data_7ZG9
#
_entry.id   7ZG9
#
_cell.length_a   86.593
_cell.length_b   86.593
_cell.length_c   148.746
_cell.angle_alpha   90.00
_cell.angle_beta   90.00
_cell.angle_gamma   120.00
#
_symmetry.space_group_name_H-M   'P 32 2 1'
#
loop_
_entity.id
_entity.type
_entity.pdbx_description
1 polymer 'SEC14 cytosolic factor'
2 non-polymer Himbacine
3 water water
#
_entity_poly.entity_id   1
_entity_poly.type   'polypeptide(L)'
_entity_poly.pdbx_seq_one_letter_code
;TQQEKEFLESYPQNCPPDALPGTPGNLDSAQEKALAELRKLLEDAGFIERLDDSTLLRFLRARKFDVQLAKEMFENCEKW
RKDYGTDTILQDFHYDEKPLIAKFYPQYYHKTDKDGRPVYFEELGAVNLHEMNKVTSEERMLKNLVWEYESVVQYRLPAC
SRAAGHLVETSCTIMDLKGISISSAYSVMSYVREASYISQNYYPERMGKFYIINAPFGFSTAFRLFKPFLDPVTVSKIFI
LGSSYQKELLKQIPAENLPVKFGGKSEVDGLYLSDIGPWRDPKYIGPEGEAPEAF
;
_entity_poly.pdbx_strand_id   A,B
#
# COMPACT_ATOMS: atom_id res chain seq x y z
N THR A 1 0.39 -12.42 34.21
CA THR A 1 -0.89 -11.79 33.90
C THR A 1 -1.23 -10.67 34.87
N GLN A 2 -0.96 -10.88 36.15
CA GLN A 2 -1.28 -9.87 37.16
C GLN A 2 -0.41 -8.62 36.97
N GLN A 3 0.87 -8.79 36.72
CA GLN A 3 1.74 -7.63 36.52
C GLN A 3 1.48 -6.96 35.17
N GLU A 4 1.00 -7.72 34.19
CA GLU A 4 0.61 -7.12 32.92
C GLU A 4 -0.65 -6.28 33.08
N LYS A 5 -1.65 -6.81 33.80
CA LYS A 5 -2.86 -6.04 34.06
C LYS A 5 -2.55 -4.78 34.86
N GLU A 6 -1.66 -4.90 35.86
CA GLU A 6 -1.21 -3.74 36.63
C GLU A 6 -0.50 -2.71 35.75
N PHE A 7 0.25 -3.17 34.74
CA PHE A 7 0.93 -2.26 33.84
C PHE A 7 -0.06 -1.51 32.98
N LEU A 8 -1.03 -2.23 32.40
CA LEU A 8 -1.99 -1.60 31.49
C LEU A 8 -2.98 -0.72 32.25
N GLU A 9 -3.31 -1.06 33.48
CA GLU A 9 -4.19 -0.20 34.28
C GLU A 9 -3.54 1.12 34.68
N SER A 10 -2.23 1.27 34.47
CA SER A 10 -1.49 2.42 34.97
C SER A 10 -1.37 3.55 33.95
N TYR A 11 -1.92 3.41 32.75
CA TYR A 11 -1.92 4.50 31.78
C TYR A 11 -3.21 4.43 30.97
N PRO A 12 -3.62 5.54 30.35
CA PRO A 12 -4.89 5.54 29.61
C PRO A 12 -4.93 4.50 28.51
N GLN A 13 -6.10 3.86 28.36
CA GLN A 13 -6.23 2.73 27.44
C GLN A 13 -7.21 2.98 26.30
N ASN A 14 -7.85 4.14 26.23
CA ASN A 14 -8.75 4.46 25.14
C ASN A 14 -8.10 5.48 24.21
N CYS A 15 -8.13 5.18 22.91
CA CYS A 15 -7.75 6.14 21.89
C CYS A 15 -8.73 7.31 21.91
N PRO A 16 -8.34 8.47 21.36
CA PRO A 16 -9.29 9.57 21.26
C PRO A 16 -10.45 9.19 20.37
N PRO A 17 -11.61 9.83 20.55
CA PRO A 17 -12.75 9.50 19.66
C PRO A 17 -12.49 9.83 18.20
N ASP A 18 -11.51 10.71 17.92
CA ASP A 18 -11.14 11.00 16.53
C ASP A 18 -10.42 9.85 15.85
N ALA A 19 -9.94 8.88 16.62
CA ALA A 19 -9.00 7.90 16.08
C ALA A 19 -9.69 7.03 15.03
N LEU A 20 -8.85 6.29 14.31
CA LEU A 20 -9.29 5.41 13.23
C LEU A 20 -10.29 4.37 13.75
N PRO A 21 -11.14 3.84 12.88
CA PRO A 21 -12.00 2.73 13.29
C PRO A 21 -11.19 1.46 13.54
N GLY A 22 -11.73 0.60 14.39
CA GLY A 22 -10.99 -0.59 14.79
C GLY A 22 -9.93 -0.36 15.84
N THR A 23 -9.91 0.80 16.46
CA THR A 23 -8.97 1.09 17.55
C THR A 23 -9.65 0.97 18.90
N PRO A 24 -8.88 0.81 19.98
CA PRO A 24 -9.49 0.66 21.31
C PRO A 24 -10.44 1.82 21.64
N GLY A 25 -11.65 1.46 22.06
CA GLY A 25 -12.68 2.43 22.32
C GLY A 25 -13.53 2.81 21.13
N ASN A 26 -13.20 2.31 19.93
CA ASN A 26 -13.87 2.70 18.68
C ASN A 26 -14.36 1.53 17.85
N LEU A 27 -14.60 0.38 18.50
CA LEU A 27 -15.04 -0.81 17.79
C LEU A 27 -16.52 -0.84 17.43
N ASP A 28 -16.83 -1.26 16.21
CA ASP A 28 -18.20 -1.59 15.88
C ASP A 28 -18.45 -3.04 16.33
N SER A 29 -19.62 -3.59 15.96
CA SER A 29 -20.02 -4.87 16.53
C SER A 29 -19.21 -6.01 15.95
N ALA A 30 -18.92 -5.96 14.65
CA ALA A 30 -18.16 -7.02 14.02
C ALA A 30 -16.69 -7.01 14.46
N GLN A 31 -16.16 -5.84 14.79
CA GLN A 31 -14.80 -5.76 15.28
C GLN A 31 -14.69 -6.29 16.70
N GLU A 32 -15.68 -6.00 17.55
CA GLU A 32 -15.69 -6.55 18.89
C GLU A 32 -15.85 -8.05 18.89
N LYS A 33 -16.62 -8.59 17.93
CA LYS A 33 -16.73 -10.04 17.79
C LYS A 33 -15.38 -10.66 17.41
N ALA A 34 -14.71 -10.07 16.42
CA ALA A 34 -13.45 -10.62 15.93
C ALA A 34 -12.38 -10.56 17.01
N LEU A 35 -12.39 -9.49 17.82
CA LEU A 35 -11.46 -9.38 18.93
C LEU A 35 -11.66 -10.51 19.94
N ALA A 36 -12.90 -10.76 20.36
CA ALA A 36 -13.11 -11.87 21.29
C ALA A 36 -12.78 -13.21 20.63
N GLU A 37 -13.06 -13.34 19.34
CA GLU A 37 -12.77 -14.58 18.62
C GLU A 37 -11.27 -14.84 18.55
N LEU A 38 -10.49 -13.81 18.24
CA LEU A 38 -9.05 -13.96 18.17
C LEU A 38 -8.47 -14.31 19.54
N ARG A 39 -8.93 -13.62 20.59
CA ARG A 39 -8.45 -13.91 21.93
C ARG A 39 -8.72 -15.37 22.30
N LYS A 40 -9.93 -15.84 22.04
CA LYS A 40 -10.27 -17.24 22.32
C LYS A 40 -9.35 -18.20 21.57
N LEU A 41 -9.07 -17.92 20.30
CA LEU A 41 -8.19 -18.80 19.53
C LEU A 41 -6.77 -18.79 20.10
N LEU A 42 -6.27 -17.62 20.47
CA LEU A 42 -4.90 -17.55 20.96
C LEU A 42 -4.77 -18.15 22.35
N GLU A 43 -5.81 -18.00 23.20
CA GLU A 43 -5.76 -18.69 24.48
C GLU A 43 -5.74 -20.21 24.28
N ASP A 44 -6.53 -20.72 23.34
CA ASP A 44 -6.52 -22.16 23.09
C ASP A 44 -5.18 -22.61 22.52
N ALA A 45 -4.49 -21.72 21.81
CA ALA A 45 -3.15 -22.01 21.31
C ALA A 45 -2.08 -21.88 22.39
N GLY A 46 -2.46 -21.62 23.63
CA GLY A 46 -1.52 -21.61 24.74
C GLY A 46 -0.84 -20.29 25.03
N PHE A 47 -1.26 -19.19 24.41
CA PHE A 47 -0.64 -17.90 24.69
C PHE A 47 -1.22 -17.28 25.95
N ILE A 48 -0.36 -16.56 26.67
CA ILE A 48 -0.72 -15.91 27.92
C ILE A 48 -0.53 -14.40 27.85
N GLU A 49 0.64 -13.97 27.37
CA GLU A 49 1.02 -12.56 27.34
C GLU A 49 0.58 -11.90 26.05
N ARG A 50 0.50 -10.56 26.10
CA ARG A 50 0.22 -9.73 24.91
C ARG A 50 -1.11 -10.08 24.28
N LEU A 51 -2.09 -10.48 25.09
CA LEU A 51 -3.45 -10.71 24.62
C LEU A 51 -4.40 -9.59 25.03
N ASP A 52 -3.86 -8.45 25.42
CA ASP A 52 -4.65 -7.27 25.74
C ASP A 52 -5.31 -6.68 24.48
N ASP A 53 -6.36 -5.90 24.71
CA ASP A 53 -7.15 -5.31 23.63
C ASP A 53 -6.26 -4.58 22.62
N SER A 54 -5.40 -3.68 23.09
CA SER A 54 -4.64 -2.84 22.17
C SER A 54 -3.72 -3.69 21.29
N THR A 55 -3.06 -4.69 21.88
CA THR A 55 -2.18 -5.55 21.08
C THR A 55 -2.99 -6.31 20.03
N LEU A 56 -4.05 -7.00 20.45
CA LEU A 56 -4.81 -7.83 19.50
C LEU A 56 -5.45 -6.98 18.42
N LEU A 57 -5.90 -5.77 18.76
CA LEU A 57 -6.49 -4.91 17.74
C LEU A 57 -5.45 -4.44 16.73
N ARG A 58 -4.17 -4.32 17.12
CA ARG A 58 -3.15 -3.97 16.13
C ARG A 58 -2.98 -5.09 15.10
N PHE A 59 -2.90 -6.35 15.55
CA PHE A 59 -2.80 -7.43 14.57
C PHE A 59 -4.08 -7.56 13.75
N LEU A 60 -5.25 -7.30 14.37
CA LEU A 60 -6.50 -7.34 13.62
C LEU A 60 -6.52 -6.28 12.53
N ARG A 61 -6.21 -5.02 12.88
CA ARG A 61 -6.20 -3.96 11.88
C ARG A 61 -5.20 -4.25 10.76
N ALA A 62 -4.05 -4.85 11.11
CA ALA A 62 -3.06 -5.16 10.08
C ALA A 62 -3.52 -6.27 9.13
N ARG A 63 -4.56 -7.05 9.51
CA ARG A 63 -5.07 -8.11 8.64
C ARG A 63 -6.56 -7.91 8.33
N LYS A 64 -7.04 -6.67 8.46
CA LYS A 64 -8.39 -6.29 8.04
C LYS A 64 -9.46 -7.14 8.71
N PHE A 65 -9.20 -7.43 9.98
CA PHE A 65 -10.11 -8.16 10.85
C PHE A 65 -10.44 -9.52 10.30
N ASP A 66 -9.55 -10.07 9.49
CA ASP A 66 -9.55 -11.50 9.20
C ASP A 66 -8.93 -12.22 10.40
N VAL A 67 -9.75 -12.95 11.16
CA VAL A 67 -9.31 -13.50 12.44
C VAL A 67 -8.22 -14.54 12.23
N GLN A 68 -8.39 -15.42 11.24
CA GLN A 68 -7.39 -16.46 11.02
C GLN A 68 -6.06 -15.85 10.61
N LEU A 69 -6.10 -14.81 9.78
CA LEU A 69 -4.86 -14.18 9.33
C LEU A 69 -4.19 -13.41 10.47
N ALA A 70 -4.97 -12.73 11.31
CA ALA A 70 -4.38 -12.08 12.47
C ALA A 70 -3.79 -13.11 13.44
N LYS A 71 -4.46 -14.26 13.59
CA LYS A 71 -3.94 -15.32 14.46
C LYS A 71 -2.60 -15.83 13.95
N GLU A 72 -2.47 -16.03 12.64
CA GLU A 72 -1.21 -16.50 12.08
C GLU A 72 -0.12 -15.45 12.27
N MET A 73 -0.48 -14.18 12.07
CA MET A 73 0.50 -13.11 12.17
C MET A 73 1.00 -13.00 13.61
N PHE A 74 0.09 -13.11 14.58
CA PHE A 74 0.47 -13.08 15.99
C PHE A 74 1.39 -14.24 16.33
N GLU A 75 1.03 -15.46 15.87
CA GLU A 75 1.84 -16.63 16.19
C GLU A 75 3.23 -16.54 15.57
N ASN A 76 3.32 -16.07 14.32
CA ASN A 76 4.63 -15.85 13.68
C ASN A 76 5.47 -14.84 14.47
N CYS A 77 4.82 -13.79 14.97
CA CYS A 77 5.53 -12.79 15.78
C CYS A 77 6.05 -13.41 17.07
N GLU A 78 5.22 -14.19 17.78
CA GLU A 78 5.67 -14.81 19.02
C GLU A 78 6.79 -15.80 18.77
N LYS A 79 6.73 -16.55 17.66
CA LYS A 79 7.83 -17.44 17.33
C LYS A 79 9.11 -16.64 17.04
N TRP A 80 8.98 -15.53 16.32
CA TRP A 80 10.16 -14.68 16.09
C TRP A 80 10.70 -14.11 17.40
N ARG A 81 9.82 -13.68 18.31
CA ARG A 81 10.30 -13.18 19.60
C ARG A 81 11.14 -14.22 20.33
N LYS A 82 10.71 -15.49 20.29
CA LYS A 82 11.48 -16.57 20.90
C LYS A 82 12.79 -16.80 20.17
N ASP A 83 12.74 -16.90 18.84
CA ASP A 83 13.95 -17.25 18.09
C ASP A 83 14.97 -16.12 18.10
N TYR A 84 14.51 -14.87 18.06
CA TYR A 84 15.38 -13.70 18.02
C TYR A 84 15.85 -13.24 19.39
N GLY A 85 15.25 -13.74 20.47
CA GLY A 85 15.60 -13.32 21.81
C GLY A 85 15.06 -11.96 22.18
N THR A 86 13.92 -11.57 21.59
CA THR A 86 13.40 -10.22 21.75
C THR A 86 13.01 -9.92 23.20
N ASP A 87 12.53 -10.93 23.93
CA ASP A 87 12.08 -10.68 25.30
C ASP A 87 13.20 -10.24 26.23
N THR A 88 14.46 -10.53 25.88
CA THR A 88 15.62 -10.12 26.68
C THR A 88 16.57 -9.19 25.91
N ILE A 89 16.14 -8.60 24.80
CA ILE A 89 17.10 -7.81 24.02
C ILE A 89 17.60 -6.60 24.81
N LEU A 90 16.74 -5.99 25.65
CA LEU A 90 17.23 -4.85 26.42
C LEU A 90 18.26 -5.24 27.47
N GLN A 91 18.38 -6.52 27.82
CA GLN A 91 19.40 -6.97 28.75
C GLN A 91 20.59 -7.62 28.08
N ASP A 92 20.46 -8.05 26.83
CA ASP A 92 21.49 -8.81 26.11
C ASP A 92 22.33 -7.95 25.18
N PHE A 93 21.71 -6.96 24.55
CA PHE A 93 22.34 -6.27 23.43
C PHE A 93 22.89 -4.92 23.89
N HIS A 94 24.14 -4.64 23.50
CA HIS A 94 24.84 -3.45 23.93
C HIS A 94 25.35 -2.71 22.69
N TYR A 95 24.69 -1.61 22.34
CA TYR A 95 25.04 -0.87 21.12
C TYR A 95 26.18 0.10 21.39
N ASP A 96 27.35 -0.47 21.72
CA ASP A 96 28.50 0.34 22.12
C ASP A 96 28.99 1.25 20.99
N GLU A 97 28.68 0.91 19.74
CA GLU A 97 29.11 1.71 18.60
C GLU A 97 28.23 2.92 18.34
N LYS A 98 27.19 3.16 19.14
CA LYS A 98 26.28 4.27 18.87
C LYS A 98 26.97 5.61 18.63
N PRO A 99 27.94 6.05 19.45
CA PRO A 99 28.57 7.35 19.15
C PRO A 99 29.27 7.38 17.81
N LEU A 100 29.76 6.23 17.34
CA LEU A 100 30.44 6.19 16.05
C LEU A 100 29.46 6.22 14.90
N ILE A 101 28.37 5.44 15.01
CA ILE A 101 27.33 5.43 13.97
C ILE A 101 26.67 6.79 13.86
N ALA A 102 26.49 7.48 14.99
CA ALA A 102 25.85 8.79 15.00
C ALA A 102 26.55 9.80 14.08
N LYS A 103 27.84 9.60 13.79
CA LYS A 103 28.53 10.49 12.85
C LYS A 103 28.05 10.29 11.42
N PHE A 104 27.48 9.12 11.10
CA PHE A 104 27.08 8.79 9.74
C PHE A 104 25.56 8.69 9.57
N TYR A 105 24.84 8.40 10.64
CA TYR A 105 23.43 8.06 10.52
C TYR A 105 22.76 8.36 11.86
N PRO A 106 22.50 9.62 12.15
CA PRO A 106 21.79 9.95 13.40
C PRO A 106 20.39 9.33 13.41
N GLN A 107 20.05 8.71 14.53
CA GLN A 107 18.72 8.15 14.77
C GLN A 107 18.37 8.41 16.23
N TYR A 108 17.26 9.10 16.47
CA TYR A 108 17.03 9.51 17.85
C TYR A 108 15.58 9.91 18.07
N TYR A 109 15.09 9.64 19.28
CA TYR A 109 13.80 10.16 19.70
C TYR A 109 14.00 11.50 20.38
N HIS A 110 13.02 12.40 20.23
CA HIS A 110 13.05 13.67 20.94
C HIS A 110 11.58 14.05 21.09
N LYS A 111 11.15 14.16 22.35
CA LYS A 111 9.85 14.73 22.71
C LYS A 111 8.66 14.20 21.93
N THR A 112 7.58 14.98 21.83
CA THR A 112 6.30 14.47 21.38
C THR A 112 5.63 15.44 20.40
N ASP A 113 4.71 14.91 19.60
CA ASP A 113 3.92 15.73 18.68
C ASP A 113 2.64 16.18 19.40
N LYS A 114 1.82 16.98 18.71
CA LYS A 114 0.66 17.56 19.37
C LYS A 114 -0.37 16.51 19.75
N ASP A 115 -0.30 15.32 19.17
CA ASP A 115 -1.20 14.24 19.54
C ASP A 115 -0.62 13.34 20.64
N GLY A 116 0.55 13.69 21.19
CA GLY A 116 1.18 12.91 22.23
C GLY A 116 2.11 11.81 21.75
N ARG A 117 2.32 11.67 20.43
CA ARG A 117 3.22 10.64 19.91
C ARG A 117 4.67 11.03 20.16
N PRO A 118 5.50 10.08 20.60
CA PRO A 118 6.96 10.35 20.62
C PRO A 118 7.47 10.53 19.19
N VAL A 119 8.41 11.45 19.00
CA VAL A 119 8.86 11.83 17.66
C VAL A 119 10.22 11.18 17.42
N TYR A 120 10.30 10.39 16.35
CA TYR A 120 11.55 9.71 15.97
C TYR A 120 12.16 10.44 14.78
N PHE A 121 13.46 10.74 14.86
CA PHE A 121 14.18 11.44 13.81
C PHE A 121 15.27 10.57 13.22
N GLU A 122 15.46 10.69 11.90
CA GLU A 122 16.58 10.09 11.19
C GLU A 122 17.15 11.09 10.20
N GLU A 123 18.47 11.12 10.06
CA GLU A 123 19.13 11.99 9.09
C GLU A 123 20.03 11.14 8.18
N LEU A 124 19.84 11.27 6.88
CA LEU A 124 20.39 10.30 5.92
C LEU A 124 21.55 10.83 5.11
N GLY A 125 21.84 12.13 5.17
CA GLY A 125 22.75 12.73 4.20
C GLY A 125 24.18 12.20 4.30
N ALA A 126 24.60 11.78 5.48
CA ALA A 126 25.98 11.36 5.70
C ALA A 126 26.15 9.85 5.68
N VAL A 127 25.12 9.10 5.28
CA VAL A 127 25.19 7.66 5.39
C VAL A 127 26.31 7.13 4.51
N ASN A 128 27.14 6.24 5.07
CA ASN A 128 28.19 5.53 4.35
C ASN A 128 28.24 4.13 4.94
N LEU A 129 27.51 3.20 4.31
CA LEU A 129 27.38 1.86 4.86
C LEU A 129 28.72 1.16 5.02
N HIS A 130 29.65 1.36 4.07
CA HIS A 130 30.96 0.71 4.21
C HIS A 130 31.70 1.22 5.42
N GLU A 131 31.71 2.54 5.62
CA GLU A 131 32.37 3.10 6.81
C GLU A 131 31.67 2.65 8.08
N MET A 132 30.33 2.63 8.07
CA MET A 132 29.60 2.16 9.24
C MET A 132 29.93 0.71 9.55
N ASN A 133 30.05 -0.13 8.52
CA ASN A 133 30.30 -1.54 8.71
C ASN A 133 31.71 -1.85 9.21
N LYS A 134 32.59 -0.85 9.34
CA LYS A 134 33.85 -1.04 10.07
C LYS A 134 33.64 -1.11 11.58
N VAL A 135 32.54 -0.57 12.10
CA VAL A 135 32.26 -0.59 13.53
C VAL A 135 30.94 -1.25 13.88
N THR A 136 30.09 -1.57 12.91
CA THR A 136 28.83 -2.25 13.19
C THR A 136 28.59 -3.26 12.06
N SER A 137 27.44 -3.91 12.07
CA SER A 137 27.00 -4.76 10.97
C SER A 137 25.53 -4.51 10.72
N GLU A 138 25.03 -4.95 9.58
CA GLU A 138 23.58 -4.88 9.38
C GLU A 138 22.84 -5.66 10.48
N GLU A 139 23.38 -6.82 10.87
CA GLU A 139 22.76 -7.61 11.93
C GLU A 139 22.66 -6.83 13.23
N ARG A 140 23.73 -6.09 13.60
CA ARG A 140 23.68 -5.33 14.84
C ARG A 140 22.81 -4.08 14.71
N MET A 141 22.77 -3.43 13.54
CA MET A 141 21.87 -2.30 13.40
C MET A 141 20.42 -2.73 13.51
N LEU A 142 20.10 -3.93 13.02
CA LEU A 142 18.75 -4.46 13.19
C LEU A 142 18.49 -4.81 14.66
N LYS A 143 19.51 -5.32 15.35
CA LYS A 143 19.36 -5.53 16.78
C LYS A 143 19.03 -4.22 17.49
N ASN A 144 19.66 -3.12 17.10
CA ASN A 144 19.36 -1.79 17.70
C ASN A 144 17.93 -1.38 17.37
N LEU A 145 17.47 -1.68 16.15
CA LEU A 145 16.09 -1.37 15.73
C LEU A 145 15.12 -2.04 16.71
N VAL A 146 15.33 -3.33 16.98
CA VAL A 146 14.43 -4.09 17.89
C VAL A 146 14.59 -3.56 19.32
N TRP A 147 15.83 -3.29 19.74
CA TRP A 147 16.04 -2.67 21.06
C TRP A 147 15.21 -1.40 21.20
N GLU A 148 15.25 -0.53 20.20
CA GLU A 148 14.48 0.71 20.28
C GLU A 148 12.98 0.45 20.28
N TYR A 149 12.50 -0.48 19.45
CA TYR A 149 11.08 -0.80 19.47
C TYR A 149 10.64 -1.30 20.83
N GLU A 150 11.45 -2.14 21.47
CA GLU A 150 11.05 -2.62 22.78
C GLU A 150 11.07 -1.51 23.81
N SER A 151 12.00 -0.57 23.71
CA SER A 151 11.94 0.58 24.61
C SER A 151 10.71 1.43 24.34
N VAL A 152 10.36 1.62 23.06
CA VAL A 152 9.15 2.37 22.69
C VAL A 152 7.91 1.75 23.33
N VAL A 153 7.73 0.45 23.12
CA VAL A 153 6.51 -0.23 23.52
C VAL A 153 6.41 -0.33 25.05
N GLN A 154 7.52 -0.60 25.72
CA GLN A 154 7.46 -0.89 27.14
C GLN A 154 7.60 0.34 28.04
N TYR A 155 8.23 1.41 27.55
CA TYR A 155 8.52 2.56 28.40
C TYR A 155 8.05 3.88 27.79
N ARG A 156 8.42 4.15 26.53
CA ARG A 156 8.09 5.46 25.95
C ARG A 156 6.58 5.65 25.81
N LEU A 157 5.89 4.68 25.18
CA LEU A 157 4.47 4.86 24.87
C LEU A 157 3.57 4.92 26.12
N PRO A 158 3.83 4.13 27.17
CA PRO A 158 3.01 4.32 28.39
C PRO A 158 3.14 5.70 28.98
N ALA A 159 4.37 6.23 29.05
CA ALA A 159 4.57 7.57 29.60
C ALA A 159 3.92 8.62 28.70
N CYS A 160 4.05 8.46 27.37
CA CYS A 160 3.39 9.37 26.45
C CYS A 160 1.87 9.30 26.60
N SER A 161 1.33 8.11 26.86
CA SER A 161 -0.11 8.00 27.09
C SER A 161 -0.53 8.77 28.33
N ARG A 162 0.27 8.71 29.41
CA ARG A 162 -0.04 9.46 30.62
C ARG A 162 0.04 10.96 30.38
N ALA A 163 1.07 11.42 29.64
CA ALA A 163 1.21 12.84 29.37
C ALA A 163 0.09 13.35 28.46
N ALA A 164 -0.43 12.51 27.57
CA ALA A 164 -1.46 12.96 26.64
C ALA A 164 -2.88 12.82 27.18
N GLY A 165 -3.11 11.94 28.17
CA GLY A 165 -4.46 11.72 28.67
C GLY A 165 -5.28 10.74 27.87
N HIS A 166 -4.65 10.01 26.94
CA HIS A 166 -5.32 9.01 26.13
C HIS A 166 -4.25 8.02 25.66
N LEU A 167 -4.70 6.89 25.14
CA LEU A 167 -3.78 5.87 24.64
C LEU A 167 -2.98 6.42 23.46
N VAL A 168 -1.67 6.20 23.50
CA VAL A 168 -0.77 6.52 22.40
C VAL A 168 -0.10 5.22 21.98
N GLU A 169 -0.36 4.76 20.77
CA GLU A 169 0.21 3.52 20.26
C GLU A 169 1.30 3.73 19.23
N THR A 170 1.53 4.96 18.78
CA THR A 170 2.27 5.18 17.54
C THR A 170 3.29 6.28 17.71
N SER A 171 4.23 6.31 16.76
CA SER A 171 5.28 7.33 16.74
C SER A 171 5.08 8.24 15.54
N CYS A 172 5.58 9.46 15.67
CA CYS A 172 5.70 10.41 14.57
C CYS A 172 7.14 10.34 14.05
N THR A 173 7.31 9.98 12.77
CA THR A 173 8.62 9.79 12.17
C THR A 173 8.98 11.00 11.31
N ILE A 174 10.20 11.52 11.47
CA ILE A 174 10.73 12.56 10.59
C ILE A 174 12.04 12.07 10.00
N MET A 175 12.08 11.92 8.67
CA MET A 175 13.26 11.44 7.96
C MET A 175 13.81 12.56 7.07
N ASP A 176 15.04 13.00 7.35
CA ASP A 176 15.66 14.11 6.64
C ASP A 176 16.55 13.53 5.54
N LEU A 177 16.19 13.80 4.28
CA LEU A 177 16.93 13.31 3.12
C LEU A 177 17.97 14.30 2.59
N LYS A 178 18.18 15.42 3.27
CA LYS A 178 19.08 16.44 2.73
C LYS A 178 20.47 15.84 2.50
N GLY A 179 20.96 15.95 1.25
CA GLY A 179 22.31 15.51 0.92
C GLY A 179 22.44 14.09 0.38
N ILE A 180 21.42 13.25 0.46
CA ILE A 180 21.61 11.88 0.01
C ILE A 180 21.50 11.81 -1.52
N SER A 181 22.27 10.92 -2.11
CA SER A 181 22.17 10.62 -3.53
C SER A 181 21.32 9.37 -3.74
N ILE A 182 20.84 9.22 -4.98
CA ILE A 182 20.06 8.04 -5.32
C ILE A 182 20.92 6.78 -5.18
N SER A 183 22.23 6.90 -5.42
CA SER A 183 23.12 5.74 -5.29
C SER A 183 23.31 5.34 -3.83
N SER A 184 23.48 6.33 -2.94
CA SER A 184 23.59 6.04 -1.51
C SER A 184 22.28 5.48 -0.96
N ALA A 185 21.14 6.01 -1.41
CA ALA A 185 19.86 5.44 -1.02
C ALA A 185 19.74 3.99 -1.46
N TYR A 186 20.22 3.69 -2.67
CA TYR A 186 20.19 2.30 -3.13
C TYR A 186 21.04 1.40 -2.25
N SER A 187 22.14 1.92 -1.72
CA SER A 187 23.06 1.07 -0.95
C SER A 187 22.45 0.64 0.38
N VAL A 188 21.44 1.33 0.89
CA VAL A 188 20.81 0.93 2.13
C VAL A 188 19.52 0.13 1.88
N MET A 189 19.33 -0.35 0.65
CA MET A 189 18.11 -1.11 0.33
C MET A 189 17.93 -2.32 1.23
N SER A 190 19.01 -3.07 1.47
CA SER A 190 18.92 -4.26 2.31
C SER A 190 18.49 -3.92 3.72
N TYR A 191 19.11 -2.91 4.32
CA TYR A 191 18.73 -2.47 5.65
C TYR A 191 17.27 -2.03 5.69
N VAL A 192 16.85 -1.23 4.71
CA VAL A 192 15.45 -0.78 4.68
C VAL A 192 14.51 -1.96 4.56
N ARG A 193 14.85 -2.95 3.73
CA ARG A 193 13.98 -4.10 3.54
C ARG A 193 13.85 -4.93 4.81
N GLU A 194 14.98 -5.19 5.46
CA GLU A 194 14.97 -6.02 6.67
C GLU A 194 14.31 -5.30 7.84
N ALA A 195 14.63 -4.02 8.02
CA ALA A 195 14.00 -3.25 9.10
C ALA A 195 12.50 -3.12 8.88
N SER A 196 12.07 -2.91 7.64
CA SER A 196 10.65 -2.79 7.35
C SER A 196 9.91 -4.11 7.50
N TYR A 197 10.58 -5.23 7.21
CA TYR A 197 9.96 -6.53 7.50
C TYR A 197 9.66 -6.67 8.98
N ILE A 198 10.60 -6.26 9.84
CA ILE A 198 10.40 -6.32 11.28
C ILE A 198 9.26 -5.39 11.71
N SER A 199 9.27 -4.14 11.21
CA SER A 199 8.22 -3.20 11.57
C SER A 199 6.84 -3.75 11.21
N GLN A 200 6.70 -4.29 10.00
CA GLN A 200 5.39 -4.66 9.51
C GLN A 200 4.88 -5.93 10.17
N ASN A 201 5.76 -6.89 10.40
CA ASN A 201 5.31 -8.20 10.84
C ASN A 201 5.31 -8.36 12.35
N TYR A 202 6.19 -7.64 13.05
CA TYR A 202 6.36 -7.83 14.48
C TYR A 202 5.96 -6.62 15.30
N TYR A 203 5.83 -5.45 14.68
CA TYR A 203 5.34 -4.26 15.36
C TYR A 203 4.14 -3.59 14.70
N PRO A 204 3.30 -4.37 14.01
CA PRO A 204 2.19 -3.76 13.27
C PRO A 204 1.48 -2.59 13.93
N GLU A 205 1.14 -1.60 13.08
CA GLU A 205 0.34 -0.44 13.48
C GLU A 205 1.04 0.42 14.53
N ARG A 206 2.36 0.51 14.48
CA ARG A 206 3.10 1.38 15.38
C ARG A 206 3.56 2.68 14.72
N MET A 207 3.34 2.84 13.42
CA MET A 207 3.68 4.08 12.72
C MET A 207 2.46 4.98 12.69
N GLY A 208 2.60 6.20 13.22
CA GLY A 208 1.49 7.14 13.30
C GLY A 208 1.48 8.18 12.19
N LYS A 209 2.62 8.85 12.02
CA LYS A 209 2.83 9.81 10.94
C LYS A 209 4.22 9.56 10.40
N PHE A 210 4.40 9.82 9.11
CA PHE A 210 5.71 9.60 8.50
C PHE A 210 6.02 10.79 7.60
N TYR A 211 6.91 11.67 8.06
CA TYR A 211 7.36 12.83 7.30
C TYR A 211 8.71 12.57 6.67
N ILE A 212 8.82 12.80 5.38
CA ILE A 212 10.10 12.88 4.70
C ILE A 212 10.31 14.34 4.36
N ILE A 213 11.43 14.91 4.80
CA ILE A 213 11.72 16.33 4.55
C ILE A 213 12.99 16.44 3.73
N ASN A 214 13.13 17.59 3.06
CA ASN A 214 14.24 17.82 2.12
C ASN A 214 14.26 16.74 1.03
N ALA A 215 13.08 16.35 0.58
CA ALA A 215 12.99 15.29 -0.42
C ALA A 215 13.55 15.77 -1.76
N PRO A 216 14.48 15.02 -2.36
CA PRO A 216 14.93 15.36 -3.72
C PRO A 216 13.81 15.26 -4.74
N PHE A 217 14.01 15.96 -5.86
CA PHE A 217 12.98 16.06 -6.91
C PHE A 217 12.61 14.69 -7.48
N GLY A 218 13.61 13.85 -7.79
CA GLY A 218 13.29 12.56 -8.37
C GLY A 218 12.54 11.67 -7.40
N PHE A 219 12.94 11.72 -6.13
CA PHE A 219 12.31 10.91 -5.09
C PHE A 219 10.87 11.33 -4.86
N SER A 220 10.61 12.63 -4.74
CA SER A 220 9.24 13.06 -4.50
C SER A 220 8.36 12.82 -5.73
N THR A 221 8.93 12.97 -6.94
CA THR A 221 8.16 12.68 -8.15
C THR A 221 7.78 11.21 -8.21
N ALA A 222 8.73 10.32 -7.92
CA ALA A 222 8.44 8.90 -7.90
C ALA A 222 7.34 8.56 -6.89
N PHE A 223 7.39 9.15 -5.69
CA PHE A 223 6.39 8.82 -4.68
C PHE A 223 5.01 9.25 -5.12
N ARG A 224 4.89 10.45 -5.69
CA ARG A 224 3.58 10.94 -6.10
C ARG A 224 2.99 10.09 -7.20
N LEU A 225 3.84 9.52 -8.06
CA LEU A 225 3.34 8.63 -9.10
C LEU A 225 2.92 7.28 -8.52
N PHE A 226 3.66 6.76 -7.55
CA PHE A 226 3.50 5.42 -7.01
C PHE A 226 2.39 5.34 -5.98
N LYS A 227 1.96 6.50 -5.48
CA LYS A 227 1.02 6.60 -4.36
C LYS A 227 -0.27 5.80 -4.51
N PRO A 228 -0.91 5.70 -5.69
CA PRO A 228 -2.12 4.89 -5.80
C PRO A 228 -1.98 3.46 -5.29
N PHE A 229 -0.77 2.89 -5.34
CA PHE A 229 -0.58 1.51 -4.89
C PHE A 229 -0.71 1.35 -3.38
N LEU A 230 -0.69 2.42 -2.62
CA LEU A 230 -0.77 2.35 -1.17
C LEU A 230 -2.22 2.36 -0.67
N ASP A 231 -2.41 1.72 0.49
CA ASP A 231 -3.68 1.85 1.21
C ASP A 231 -3.97 3.33 1.47
N PRO A 232 -5.20 3.80 1.19
CA PRO A 232 -5.50 5.22 1.46
C PRO A 232 -5.34 5.63 2.92
N VAL A 233 -5.52 4.72 3.87
CA VAL A 233 -5.21 5.04 5.26
C VAL A 233 -3.70 5.25 5.43
N THR A 234 -2.90 4.39 4.79
CA THR A 234 -1.45 4.56 4.83
C THR A 234 -1.03 5.88 4.18
N VAL A 235 -1.62 6.20 3.03
CA VAL A 235 -1.31 7.46 2.34
C VAL A 235 -1.55 8.66 3.25
N SER A 236 -2.64 8.63 4.02
CA SER A 236 -2.96 9.78 4.86
C SER A 236 -1.96 9.99 5.99
N LYS A 237 -1.06 9.04 6.22
CA LYS A 237 -0.05 9.17 7.26
C LYS A 237 1.26 9.76 6.75
N ILE A 238 1.46 9.79 5.44
CA ILE A 238 2.76 10.06 4.82
C ILE A 238 2.75 11.48 4.25
N PHE A 239 3.82 12.23 4.53
CA PHE A 239 3.98 13.61 4.07
C PHE A 239 5.35 13.73 3.41
N ILE A 240 5.38 14.00 2.11
CA ILE A 240 6.61 14.13 1.33
C ILE A 240 6.87 15.61 1.10
N LEU A 241 7.85 16.16 1.81
CA LEU A 241 8.11 17.60 1.81
C LEU A 241 9.47 17.92 1.21
N GLY A 242 9.58 19.11 0.63
CA GLY A 242 10.82 19.58 0.07
C GLY A 242 11.64 20.40 1.05
N SER A 243 12.29 21.43 0.54
CA SER A 243 13.12 22.32 1.33
C SER A 243 12.41 23.17 2.34
N SER A 244 11.17 23.54 2.07
CA SER A 244 10.41 24.33 3.00
C SER A 244 9.43 23.47 3.75
N TYR A 245 9.88 22.79 4.78
CA TYR A 245 9.05 21.90 5.55
C TYR A 245 8.73 22.40 6.95
N GLN A 246 9.35 23.48 7.37
CA GLN A 246 9.26 23.89 8.77
C GLN A 246 7.83 24.22 9.17
N LYS A 247 7.08 24.92 8.31
CA LYS A 247 5.71 25.28 8.70
C LYS A 247 4.84 24.04 8.81
N GLU A 248 5.10 23.03 7.97
CA GLU A 248 4.30 21.81 8.04
C GLU A 248 4.64 21.00 9.29
N LEU A 249 5.92 20.95 9.66
CA LEU A 249 6.29 20.26 10.91
C LEU A 249 5.70 20.98 12.11
N LEU A 250 5.67 22.31 12.08
CA LEU A 250 5.20 23.07 13.23
C LEU A 250 3.69 22.99 13.40
N LYS A 251 2.96 22.60 12.35
CA LYS A 251 1.54 22.29 12.52
C LYS A 251 1.35 21.06 13.39
N GLN A 252 2.29 20.12 13.35
CA GLN A 252 2.13 18.81 13.97
C GLN A 252 2.86 18.68 15.29
N ILE A 253 3.93 19.43 15.50
CA ILE A 253 4.74 19.31 16.70
C ILE A 253 4.87 20.69 17.34
N PRO A 254 4.56 20.84 18.63
CA PRO A 254 4.74 22.13 19.30
C PRO A 254 6.15 22.66 19.09
N ALA A 255 6.26 23.96 18.83
CA ALA A 255 7.57 24.56 18.58
C ALA A 255 8.52 24.29 19.73
N GLU A 256 7.99 24.21 20.96
CA GLU A 256 8.82 23.94 22.12
C GLU A 256 9.48 22.57 22.03
N ASN A 257 8.86 21.64 21.29
CA ASN A 257 9.35 20.26 21.19
C ASN A 257 10.15 19.98 19.93
N LEU A 258 10.04 20.82 18.92
CA LEU A 258 10.74 20.59 17.66
C LEU A 258 12.17 21.12 17.76
N PRO A 259 13.18 20.35 17.34
CA PRO A 259 14.56 20.85 17.42
C PRO A 259 14.76 22.10 16.57
N VAL A 260 15.69 22.95 17.02
CA VAL A 260 15.92 24.22 16.36
C VAL A 260 16.32 24.01 14.90
N LYS A 261 17.17 23.01 14.64
CA LYS A 261 17.64 22.75 13.29
C LYS A 261 16.50 22.46 12.30
N PHE A 262 15.32 22.10 12.77
CA PHE A 262 14.19 21.80 11.89
C PHE A 262 13.11 22.88 11.94
N GLY A 263 13.39 24.02 12.58
CA GLY A 263 12.47 25.14 12.64
C GLY A 263 11.87 25.40 14.00
N GLY A 264 12.21 24.63 15.03
CA GLY A 264 11.59 24.74 16.32
C GLY A 264 12.43 25.50 17.32
N LYS A 265 12.14 25.24 18.61
CA LYS A 265 12.81 25.93 19.70
C LYS A 265 13.53 24.99 20.66
N SER A 266 13.49 23.68 20.42
CA SER A 266 14.06 22.74 21.38
C SER A 266 15.56 22.63 21.19
N GLU A 267 16.30 22.73 22.29
CA GLU A 267 17.76 22.67 22.28
C GLU A 267 18.24 21.54 23.18
N VAL A 268 19.40 20.99 22.84
CA VAL A 268 20.06 19.97 23.65
C VAL A 268 21.52 20.37 23.79
N ASP A 269 22.02 20.32 25.02
CA ASP A 269 23.38 20.76 25.35
C ASP A 269 24.44 20.12 24.45
N GLY A 270 25.10 15.64 22.96
CA GLY A 270 24.14 16.42 22.21
C GLY A 270 22.90 15.69 21.73
N LEU A 271 22.26 16.23 20.69
CA LEU A 271 20.96 15.74 20.27
C LEU A 271 21.02 14.30 19.78
N TYR A 272 22.10 13.93 19.07
CA TYR A 272 22.13 12.62 18.44
C TYR A 272 22.19 11.49 19.46
N LEU A 273 22.73 11.75 20.65
CA LEU A 273 22.86 10.74 21.68
C LEU A 273 21.82 10.90 22.78
N SER A 274 20.84 11.77 22.61
CA SER A 274 19.88 12.04 23.65
C SER A 274 18.62 11.19 23.47
N ASP A 275 17.78 11.19 24.51
CA ASP A 275 16.52 10.47 24.49
C ASP A 275 15.58 11.19 25.46
N ILE A 276 15.21 12.41 25.09
CA ILE A 276 14.46 13.32 25.95
C ILE A 276 12.97 13.22 25.62
N GLY A 277 12.14 13.11 26.65
CA GLY A 277 10.70 13.05 26.47
C GLY A 277 9.97 12.80 27.78
N PRO A 278 8.64 12.65 27.73
CA PRO A 278 7.89 12.43 28.98
C PRO A 278 8.27 11.16 29.72
N TRP A 279 8.84 10.16 29.01
CA TRP A 279 9.36 8.97 29.67
C TRP A 279 10.61 9.26 30.51
N ARG A 280 11.12 10.49 30.48
CA ARG A 280 12.19 10.92 31.38
C ARG A 280 11.68 11.78 32.52
N ASP A 281 10.37 11.99 32.61
CA ASP A 281 9.77 12.82 33.65
C ASP A 281 9.13 11.93 34.70
N PRO A 282 9.57 11.98 35.96
CA PRO A 282 8.99 11.08 36.98
C PRO A 282 7.49 11.21 37.13
N LYS A 283 6.88 12.33 36.70
CA LYS A 283 5.43 12.46 36.78
C LYS A 283 4.73 11.44 35.89
N TYR A 284 5.36 11.01 34.79
CA TYR A 284 4.73 10.13 33.82
C TYR A 284 5.35 8.75 33.75
N ILE A 285 6.30 8.44 34.62
CA ILE A 285 6.89 7.10 34.69
C ILE A 285 6.04 6.26 35.63
N GLY A 286 5.54 5.14 35.14
CA GLY A 286 4.68 4.28 35.93
C GLY A 286 5.42 3.12 36.56
N PRO A 287 4.71 2.03 36.81
CA PRO A 287 5.34 0.87 37.48
C PRO A 287 6.38 0.18 36.61
N GLU A 288 6.41 0.46 35.31
CA GLU A 288 7.43 -0.11 34.44
C GLU A 288 8.82 0.45 34.74
N GLY A 289 8.90 1.58 35.44
CA GLY A 289 10.18 2.20 35.69
C GLY A 289 10.70 2.95 34.48
N GLU A 290 11.81 3.64 34.67
CA GLU A 290 12.33 4.52 33.64
C GLU A 290 12.96 3.70 32.52
N ALA A 291 12.75 4.17 31.28
CA ALA A 291 13.34 3.54 30.11
C ALA A 291 14.85 3.41 30.27
N PRO A 292 15.45 2.32 29.82
CA PRO A 292 16.90 2.25 29.77
C PRO A 292 17.44 3.24 28.74
N GLU A 293 18.76 3.40 28.75
CA GLU A 293 19.41 4.33 27.84
C GLU A 293 20.39 3.55 26.98
N ALA A 294 20.32 3.75 25.67
CA ALA A 294 21.36 3.18 24.81
C ALA A 294 22.71 3.80 25.13
N PHE A 295 22.71 5.06 25.53
CA PHE A 295 23.88 5.72 26.09
C PHE A 295 23.53 6.36 27.43
N THR B 1 -32.65 -6.06 -15.29
CA THR B 1 -31.98 -7.14 -14.59
C THR B 1 -31.99 -8.44 -15.39
N GLN B 2 -32.85 -8.51 -16.43
CA GLN B 2 -32.90 -9.72 -17.23
C GLN B 2 -31.76 -9.76 -18.25
N GLN B 3 -31.43 -8.61 -18.86
CA GLN B 3 -30.23 -8.55 -19.70
C GLN B 3 -29.00 -8.92 -18.89
N GLU B 4 -28.90 -8.39 -17.66
CA GLU B 4 -27.74 -8.68 -16.81
C GLU B 4 -27.59 -10.18 -16.55
N LYS B 5 -28.69 -10.86 -16.25
CA LYS B 5 -28.60 -12.26 -15.92
C LYS B 5 -28.31 -13.10 -17.17
N GLU B 6 -28.89 -12.72 -18.31
CA GLU B 6 -28.49 -13.31 -19.60
C GLU B 6 -26.97 -13.28 -19.75
N PHE B 7 -26.40 -12.09 -19.65
CA PHE B 7 -24.96 -11.89 -19.77
C PHE B 7 -24.20 -12.72 -18.73
N LEU B 8 -24.58 -12.59 -17.45
CA LEU B 8 -23.76 -13.12 -16.37
C LEU B 8 -23.72 -14.65 -16.37
N GLU B 9 -24.74 -15.32 -16.88
CA GLU B 9 -24.65 -16.78 -16.92
C GLU B 9 -24.06 -17.31 -18.19
N SER B 10 -23.67 -16.43 -19.09
CA SER B 10 -23.03 -16.90 -20.29
C SER B 10 -21.55 -17.15 -20.08
N TYR B 11 -21.03 -16.95 -18.87
CA TYR B 11 -19.62 -17.21 -18.63
C TYR B 11 -19.40 -17.64 -17.19
N PRO B 12 -18.30 -18.33 -16.90
CA PRO B 12 -18.08 -18.83 -15.54
C PRO B 12 -18.09 -17.72 -14.49
N GLN B 13 -18.71 -18.01 -13.35
CA GLN B 13 -18.90 -17.00 -12.32
C GLN B 13 -18.12 -17.27 -11.03
N ASN B 14 -17.46 -18.41 -10.89
CA ASN B 14 -16.63 -18.68 -9.73
C ASN B 14 -15.15 -18.49 -10.05
N CYS B 15 -14.43 -17.85 -9.13
CA CYS B 15 -12.99 -17.76 -9.22
C CYS B 15 -12.38 -19.12 -8.91
N PRO B 16 -11.10 -19.34 -9.21
CA PRO B 16 -10.45 -20.57 -8.79
C PRO B 16 -10.42 -20.68 -7.26
N PRO B 17 -10.40 -21.89 -6.73
CA PRO B 17 -10.17 -22.05 -5.28
C PRO B 17 -8.80 -21.55 -4.85
N ASP B 18 -7.89 -21.32 -5.79
CA ASP B 18 -6.63 -20.64 -5.51
C ASP B 18 -6.85 -19.22 -5.01
N ALA B 19 -7.91 -18.56 -5.47
CA ALA B 19 -7.99 -17.11 -5.47
C ALA B 19 -8.02 -16.55 -4.05
N LEU B 20 -7.78 -15.26 -3.97
CA LEU B 20 -7.77 -14.50 -2.71
C LEU B 20 -9.06 -14.71 -1.94
N PRO B 21 -9.05 -14.58 -0.63
CA PRO B 21 -10.30 -14.61 0.13
C PRO B 21 -11.18 -13.44 -0.28
N GLY B 22 -12.49 -13.62 -0.14
CA GLY B 22 -13.42 -12.58 -0.50
C GLY B 22 -13.74 -12.50 -1.98
N THR B 23 -13.29 -13.46 -2.76
CA THR B 23 -13.65 -13.52 -4.19
C THR B 23 -14.85 -14.45 -4.38
N PRO B 24 -15.61 -14.26 -5.45
CA PRO B 24 -16.80 -15.10 -5.66
C PRO B 24 -16.48 -16.59 -5.60
N GLY B 25 -17.24 -17.31 -4.80
CA GLY B 25 -17.07 -18.72 -4.57
C GLY B 25 -16.11 -19.07 -3.43
N ASN B 26 -15.49 -18.05 -2.85
CA ASN B 26 -14.53 -18.22 -1.79
C ASN B 26 -14.88 -17.41 -0.56
N LEU B 27 -16.15 -17.23 -0.28
CA LEU B 27 -16.53 -16.42 0.86
C LEU B 27 -16.68 -17.06 2.23
N ASP B 28 -16.15 -16.44 3.28
CA ASP B 28 -16.43 -16.94 4.63
C ASP B 28 -17.73 -16.32 5.16
N SER B 29 -18.15 -16.76 6.35
CA SER B 29 -19.42 -16.29 6.90
C SER B 29 -19.44 -14.78 7.11
N ALA B 30 -18.31 -14.20 7.51
CA ALA B 30 -18.27 -12.74 7.72
C ALA B 30 -18.38 -12.01 6.39
N GLN B 31 -17.76 -12.55 5.35
CA GLN B 31 -17.84 -11.93 4.03
C GLN B 31 -19.21 -12.11 3.38
N GLU B 32 -19.80 -13.30 3.50
CA GLU B 32 -21.16 -13.50 2.99
C GLU B 32 -22.14 -12.54 3.63
N LYS B 33 -21.96 -12.28 4.92
CA LYS B 33 -22.86 -11.38 5.64
C LYS B 33 -22.67 -9.93 5.16
N ALA B 34 -21.43 -9.54 4.92
CA ALA B 34 -21.14 -8.19 4.44
C ALA B 34 -21.73 -7.98 3.05
N LEU B 35 -21.67 -9.01 2.20
CA LEU B 35 -22.26 -8.90 0.86
C LEU B 35 -23.77 -8.69 0.93
N ALA B 36 -24.46 -9.46 1.79
CA ALA B 36 -25.90 -9.34 1.90
C ALA B 36 -26.32 -7.98 2.47
N GLU B 37 -25.57 -7.47 3.45
CA GLU B 37 -25.85 -6.14 4.00
C GLU B 37 -25.66 -5.05 2.95
N LEU B 38 -24.57 -5.12 2.18
CA LEU B 38 -24.32 -4.12 1.14
C LEU B 38 -25.42 -4.15 0.08
N ARG B 39 -25.77 -5.33 -0.40
CA ARG B 39 -26.82 -5.41 -1.41
C ARG B 39 -28.12 -4.82 -0.91
N LYS B 40 -28.50 -5.11 0.35
CA LYS B 40 -29.74 -4.58 0.89
C LYS B 40 -29.70 -3.06 1.01
N LEU B 41 -28.57 -2.50 1.44
CA LEU B 41 -28.46 -1.05 1.52
C LEU B 41 -28.63 -0.43 0.13
N LEU B 42 -27.99 -1.03 -0.88
CA LEU B 42 -28.08 -0.46 -2.22
C LEU B 42 -29.46 -0.64 -2.83
N GLU B 43 -30.12 -1.77 -2.55
CA GLU B 43 -31.50 -1.94 -3.04
C GLU B 43 -32.43 -0.91 -2.41
N ASP B 44 -32.31 -0.69 -1.10
CA ASP B 44 -33.15 0.30 -0.43
C ASP B 44 -32.92 1.70 -0.99
N ALA B 45 -31.68 2.01 -1.34
CA ALA B 45 -31.35 3.33 -1.90
C ALA B 45 -31.85 3.50 -3.33
N GLY B 46 -32.29 2.43 -3.99
CA GLY B 46 -32.91 2.54 -5.28
C GLY B 46 -32.07 2.08 -6.45
N PHE B 47 -30.93 1.45 -6.20
CA PHE B 47 -30.10 0.97 -7.29
C PHE B 47 -30.66 -0.35 -7.81
N ILE B 48 -30.49 -0.59 -9.11
CA ILE B 48 -30.98 -1.80 -9.76
C ILE B 48 -29.85 -2.54 -10.46
N GLU B 49 -29.04 -1.84 -11.25
CA GLU B 49 -27.97 -2.47 -12.02
C GLU B 49 -26.71 -2.61 -11.19
N ARG B 50 -25.87 -3.58 -11.61
CA ARG B 50 -24.53 -3.79 -11.05
C ARG B 50 -24.59 -4.18 -9.57
N LEU B 51 -25.65 -4.87 -9.18
CA LEU B 51 -25.77 -5.42 -7.84
C LEU B 51 -25.40 -6.90 -7.79
N ASP B 52 -24.71 -7.41 -8.81
CA ASP B 52 -24.32 -8.82 -8.85
C ASP B 52 -23.16 -9.09 -7.89
N ASP B 53 -22.96 -10.39 -7.56
CA ASP B 53 -21.95 -10.78 -6.59
C ASP B 53 -20.56 -10.27 -6.95
N SER B 54 -20.13 -10.49 -8.19
CA SER B 54 -18.77 -10.07 -8.57
C SER B 54 -18.58 -8.57 -8.37
N THR B 55 -19.54 -7.76 -8.80
CA THR B 55 -19.39 -6.32 -8.65
C THR B 55 -19.31 -5.92 -7.18
N LEU B 56 -20.30 -6.35 -6.38
CA LEU B 56 -20.33 -5.90 -4.99
C LEU B 56 -19.10 -6.40 -4.22
N LEU B 57 -18.61 -7.59 -4.55
CA LEU B 57 -17.43 -8.10 -3.86
C LEU B 57 -16.16 -7.35 -4.26
N ARG B 58 -16.11 -6.79 -5.47
CA ARG B 58 -14.97 -5.92 -5.81
C ARG B 58 -14.96 -4.67 -4.94
N PHE B 59 -16.12 -4.02 -4.74
CA PHE B 59 -16.15 -2.84 -3.88
C PHE B 59 -15.86 -3.21 -2.42
N LEU B 60 -16.35 -4.35 -1.95
CA LEU B 60 -16.07 -4.76 -0.58
C LEU B 60 -14.58 -5.01 -0.37
N ARG B 61 -13.95 -5.75 -1.29
CA ARG B 61 -12.51 -6.01 -1.16
C ARG B 61 -11.72 -4.71 -1.21
N ALA B 62 -12.12 -3.75 -2.06
CA ALA B 62 -11.44 -2.47 -2.12
C ALA B 62 -11.53 -1.71 -0.80
N ARG B 63 -12.52 -2.01 0.04
CA ARG B 63 -12.68 -1.32 1.32
C ARG B 63 -12.59 -2.28 2.51
N LYS B 64 -11.91 -3.41 2.34
CA LYS B 64 -11.61 -4.30 3.47
C LYS B 64 -12.88 -4.85 4.10
N PHE B 65 -13.92 -5.02 3.29
CA PHE B 65 -15.25 -5.46 3.72
C PHE B 65 -15.88 -4.53 4.75
N ASP B 66 -15.45 -3.26 4.79
CA ASP B 66 -16.21 -2.22 5.47
C ASP B 66 -17.44 -1.90 4.63
N VAL B 67 -18.62 -2.35 5.07
CA VAL B 67 -19.81 -2.23 4.24
C VAL B 67 -20.14 -0.77 3.96
N GLN B 68 -20.03 0.09 4.97
CA GLN B 68 -20.36 1.51 4.77
C GLN B 68 -19.44 2.17 3.76
N LEU B 69 -18.14 1.91 3.84
CA LEU B 69 -17.22 2.50 2.88
C LEU B 69 -17.42 1.91 1.50
N ALA B 70 -17.72 0.61 1.41
CA ALA B 70 -18.03 0.01 0.11
C ALA B 70 -19.28 0.64 -0.51
N LYS B 71 -20.30 0.87 0.31
CA LYS B 71 -21.51 1.52 -0.17
C LYS B 71 -21.23 2.92 -0.71
N GLU B 72 -20.45 3.74 0.03
CA GLU B 72 -20.11 5.08 -0.46
C GLU B 72 -19.31 5.01 -1.76
N MET B 73 -18.37 4.08 -1.84
CA MET B 73 -17.57 3.93 -3.05
C MET B 73 -18.45 3.55 -4.23
N PHE B 74 -19.39 2.62 -4.02
CA PHE B 74 -20.29 2.20 -5.09
C PHE B 74 -21.15 3.37 -5.56
N GLU B 75 -21.71 4.11 -4.61
CA GLU B 75 -22.58 5.24 -4.97
C GLU B 75 -21.80 6.31 -5.72
N ASN B 76 -20.56 6.61 -5.29
CA ASN B 76 -19.74 7.57 -6.04
C ASN B 76 -19.50 7.10 -7.46
N CYS B 77 -19.25 5.80 -7.63
CA CYS B 77 -19.05 5.27 -8.98
C CYS B 77 -20.30 5.43 -9.83
N GLU B 78 -21.47 5.11 -9.26
CA GLU B 78 -22.72 5.21 -10.03
C GLU B 78 -22.97 6.65 -10.47
N LYS B 79 -22.72 7.63 -9.59
CA LYS B 79 -22.91 9.02 -9.96
C LYS B 79 -21.95 9.43 -11.07
N TRP B 80 -20.69 9.03 -10.95
CA TRP B 80 -19.69 9.30 -11.98
C TRP B 80 -20.08 8.69 -13.32
N ARG B 81 -20.58 7.45 -13.32
CA ARG B 81 -20.97 6.84 -14.59
C ARG B 81 -21.97 7.72 -15.33
N LYS B 82 -22.94 8.28 -14.59
CA LYS B 82 -23.89 9.18 -15.23
C LYS B 82 -23.25 10.52 -15.61
N ASP B 83 -22.42 11.10 -14.73
CA ASP B 83 -21.81 12.39 -15.04
C ASP B 83 -20.87 12.31 -16.23
N TYR B 84 -20.16 11.20 -16.36
CA TYR B 84 -19.11 11.04 -17.36
C TYR B 84 -19.62 10.47 -18.68
N GLY B 85 -20.80 9.85 -18.69
CA GLY B 85 -21.30 9.18 -19.88
C GLY B 85 -20.73 7.79 -20.07
N THR B 86 -20.31 7.14 -18.98
CA THR B 86 -19.61 5.86 -19.08
C THR B 86 -20.50 4.77 -19.68
N ASP B 87 -21.81 4.79 -19.40
CA ASP B 87 -22.70 3.75 -19.88
C ASP B 87 -22.75 3.66 -21.41
N THR B 88 -22.45 4.75 -22.10
CA THR B 88 -22.54 4.77 -23.56
C THR B 88 -21.22 5.16 -24.21
N ILE B 89 -20.11 5.05 -23.48
CA ILE B 89 -18.84 5.53 -24.02
C ILE B 89 -18.43 4.72 -25.23
N LEU B 90 -18.78 3.43 -25.28
CA LEU B 90 -18.41 2.65 -26.45
C LEU B 90 -19.17 3.07 -27.71
N GLN B 91 -20.32 3.71 -27.56
CA GLN B 91 -21.04 4.29 -28.69
C GLN B 91 -20.64 5.72 -28.99
N ASP B 92 -20.29 6.51 -27.97
CA ASP B 92 -20.17 7.95 -28.10
C ASP B 92 -18.76 8.43 -28.44
N PHE B 93 -17.73 7.74 -27.96
CA PHE B 93 -16.36 8.23 -28.06
C PHE B 93 -15.63 7.51 -29.18
N HIS B 94 -15.00 8.30 -30.05
CA HIS B 94 -14.27 7.77 -31.16
C HIS B 94 -12.87 8.30 -31.15
N TYR B 95 -11.92 7.44 -30.85
CA TYR B 95 -10.53 7.83 -30.76
C TYR B 95 -9.87 7.80 -32.12
N ASP B 96 -10.26 8.69 -32.99
CA ASP B 96 -9.77 8.69 -34.34
C ASP B 96 -8.28 8.96 -34.41
N GLU B 97 -7.72 9.66 -33.42
CA GLU B 97 -6.28 10.03 -33.43
C GLU B 97 -5.38 8.87 -32.97
N LYS B 98 -5.96 7.71 -32.68
CA LYS B 98 -5.17 6.55 -32.18
C LYS B 98 -3.91 6.28 -33.01
N PRO B 99 -3.94 6.21 -34.37
CA PRO B 99 -2.71 6.00 -35.12
C PRO B 99 -1.58 7.02 -34.84
N LEU B 100 -1.94 8.27 -34.57
CA LEU B 100 -0.93 9.31 -34.27
C LEU B 100 -0.45 9.17 -32.82
N ILE B 101 -1.34 8.78 -31.92
CA ILE B 101 -0.97 8.57 -30.49
C ILE B 101 0.03 7.41 -30.42
N ALA B 102 -0.18 6.37 -31.23
CA ALA B 102 0.69 5.18 -31.19
C ALA B 102 2.14 5.50 -31.53
N LYS B 103 2.39 6.65 -32.14
CA LYS B 103 3.78 7.06 -32.48
C LYS B 103 4.50 7.59 -31.24
N PHE B 104 3.76 7.98 -30.21
CA PHE B 104 4.38 8.57 -29.00
C PHE B 104 4.02 7.75 -27.78
N TYR B 105 2.88 7.07 -27.77
CA TYR B 105 2.39 6.36 -26.57
C TYR B 105 1.61 5.12 -26.98
N PRO B 106 2.31 4.02 -27.31
CA PRO B 106 1.63 2.77 -27.61
C PRO B 106 0.85 2.21 -26.42
N GLN B 107 -0.42 1.83 -26.61
CA GLN B 107 -1.26 1.22 -25.58
C GLN B 107 -2.11 0.16 -26.25
N TYR B 108 -2.03 -1.09 -25.80
CA TYR B 108 -2.74 -2.16 -26.50
C TYR B 108 -2.92 -3.36 -25.59
N TYR B 109 -4.05 -4.05 -25.75
CA TYR B 109 -4.23 -5.40 -25.20
C TYR B 109 -3.69 -6.43 -26.18
N HIS B 110 -3.07 -7.50 -25.64
CA HIS B 110 -2.61 -8.61 -26.47
C HIS B 110 -2.66 -9.92 -25.68
N LYS B 111 -3.61 -10.79 -26.02
CA LYS B 111 -3.71 -12.18 -25.53
C LYS B 111 -3.81 -12.22 -24.02
N THR B 112 -3.39 -13.32 -23.39
CA THR B 112 -3.74 -13.57 -22.00
C THR B 112 -2.55 -14.15 -21.25
N ASP B 113 -2.58 -14.00 -19.92
CA ASP B 113 -1.53 -14.60 -19.11
C ASP B 113 -1.92 -16.02 -18.70
N LYS B 114 -1.08 -16.63 -17.84
CA LYS B 114 -1.30 -18.04 -17.52
C LYS B 114 -2.53 -18.26 -16.64
N ASP B 115 -3.01 -17.21 -15.99
CA ASP B 115 -4.22 -17.28 -15.18
C ASP B 115 -5.45 -16.89 -15.99
N GLY B 116 -5.29 -16.65 -17.29
CA GLY B 116 -6.38 -16.27 -18.16
C GLY B 116 -6.65 -14.77 -18.25
N ARG B 117 -5.88 -13.93 -17.55
CA ARG B 117 -6.15 -12.49 -17.60
C ARG B 117 -5.74 -11.91 -18.95
N PRO B 118 -6.54 -11.02 -19.52
CA PRO B 118 -6.08 -10.28 -20.69
C PRO B 118 -4.90 -9.40 -20.31
N VAL B 119 -3.93 -9.28 -21.21
CA VAL B 119 -2.67 -8.58 -20.93
C VAL B 119 -2.70 -7.20 -21.58
N TYR B 120 -2.56 -6.15 -20.75
CA TYR B 120 -2.49 -4.77 -21.24
C TYR B 120 -1.03 -4.32 -21.28
N PHE B 121 -0.62 -3.69 -22.39
CA PHE B 121 0.73 -3.17 -22.58
C PHE B 121 0.67 -1.67 -22.82
N GLU B 122 1.63 -0.94 -22.24
CA GLU B 122 1.85 0.43 -22.68
C GLU B 122 3.33 0.76 -22.58
N GLU B 123 3.77 1.64 -23.48
CA GLU B 123 5.19 2.01 -23.59
C GLU B 123 5.29 3.52 -23.42
N LEU B 124 6.11 3.97 -22.45
CA LEU B 124 6.11 5.36 -22.01
C LEU B 124 7.30 6.20 -22.45
N GLY B 125 8.34 5.60 -23.04
CA GLY B 125 9.59 6.31 -23.22
C GLY B 125 9.52 7.57 -24.07
N ALA B 126 8.54 7.63 -24.99
CA ALA B 126 8.41 8.79 -25.90
C ALA B 126 7.27 9.72 -25.46
N VAL B 127 6.82 9.62 -24.21
CA VAL B 127 5.64 10.40 -23.75
C VAL B 127 6.03 11.70 -23.05
N ASN B 128 5.49 12.83 -23.50
CA ASN B 128 5.68 14.15 -22.83
C ASN B 128 4.37 14.91 -23.08
N LEU B 129 4.00 15.86 -22.24
CA LEU B 129 2.70 16.54 -22.41
C LEU B 129 2.67 17.31 -23.74
N HIS B 130 3.82 17.84 -24.17
CA HIS B 130 3.87 18.62 -25.42
C HIS B 130 3.54 17.70 -26.58
N GLU B 131 4.12 16.50 -26.55
CA GLU B 131 3.86 15.51 -27.62
C GLU B 131 2.37 15.21 -27.67
N MET B 132 1.77 14.94 -26.53
CA MET B 132 0.35 14.56 -26.52
C MET B 132 -0.51 15.73 -26.98
N ASN B 133 -0.21 16.96 -26.55
CA ASN B 133 -1.08 18.12 -26.83
C ASN B 133 -1.04 18.51 -28.31
N LYS B 134 -0.12 17.94 -29.07
CA LYS B 134 -0.04 18.20 -30.52
C LYS B 134 -1.12 17.38 -31.24
N VAL B 135 -1.48 16.22 -30.69
CA VAL B 135 -2.41 15.30 -31.39
C VAL B 135 -3.71 15.06 -30.63
N THR B 136 -3.74 15.30 -29.32
CA THR B 136 -4.89 14.94 -28.53
C THR B 136 -4.89 15.77 -27.26
N SER B 137 -5.75 15.49 -26.32
CA SER B 137 -5.78 16.24 -25.08
C SER B 137 -5.85 15.31 -23.90
N GLU B 138 -5.50 15.79 -22.73
CA GLU B 138 -5.59 14.96 -21.54
C GLU B 138 -7.00 14.39 -21.38
N GLU B 139 -8.02 15.22 -21.66
CA GLU B 139 -9.41 14.79 -21.52
C GLU B 139 -9.73 13.62 -22.46
N ARG B 140 -9.27 13.70 -23.71
CA ARG B 140 -9.55 12.62 -24.66
C ARG B 140 -8.74 11.37 -24.32
N MET B 141 -7.54 11.52 -23.77
CA MET B 141 -6.79 10.33 -23.39
C MET B 141 -7.44 9.62 -22.21
N LEU B 142 -8.05 10.37 -21.30
CA LEU B 142 -8.80 9.74 -20.22
C LEU B 142 -10.08 9.09 -20.72
N LYS B 143 -10.72 9.69 -21.74
CA LYS B 143 -11.90 9.04 -22.35
C LYS B 143 -11.51 7.70 -22.97
N ASN B 144 -10.35 7.64 -23.62
CA ASN B 144 -9.89 6.39 -24.21
C ASN B 144 -9.63 5.34 -23.14
N LEU B 145 -9.08 5.77 -21.99
CA LEU B 145 -8.88 4.85 -20.88
C LEU B 145 -10.21 4.24 -20.44
N VAL B 146 -11.23 5.08 -20.28
CA VAL B 146 -12.53 4.59 -19.82
C VAL B 146 -13.19 3.73 -20.91
N TRP B 147 -13.07 4.13 -22.18
CA TRP B 147 -13.48 3.29 -23.31
C TRP B 147 -12.88 1.90 -23.20
N GLU B 148 -11.57 1.83 -22.96
CA GLU B 148 -10.89 0.53 -22.88
C GLU B 148 -11.35 -0.26 -21.66
N TYR B 149 -11.56 0.39 -20.52
CA TYR B 149 -12.09 -0.32 -19.36
C TYR B 149 -13.46 -0.94 -19.66
N GLU B 150 -14.33 -0.17 -20.32
CA GLU B 150 -15.66 -0.71 -20.63
C GLU B 150 -15.58 -1.84 -21.66
N SER B 151 -14.63 -1.79 -22.58
CA SER B 151 -14.44 -2.95 -23.46
C SER B 151 -13.91 -4.15 -22.68
N VAL B 152 -13.03 -3.90 -21.72
CA VAL B 152 -12.54 -4.97 -20.84
C VAL B 152 -13.70 -5.62 -20.10
N VAL B 153 -14.55 -4.81 -19.45
CA VAL B 153 -15.63 -5.35 -18.62
C VAL B 153 -16.70 -6.02 -19.48
N GLN B 154 -17.09 -5.39 -20.58
CA GLN B 154 -18.23 -5.87 -21.33
C GLN B 154 -17.88 -7.00 -22.27
N TYR B 155 -16.64 -7.06 -22.75
CA TYR B 155 -16.28 -8.01 -23.80
C TYR B 155 -15.06 -8.86 -23.49
N ARG B 156 -13.95 -8.23 -23.07
CA ARG B 156 -12.71 -8.99 -22.96
C ARG B 156 -12.77 -9.98 -21.81
N LEU B 157 -13.25 -9.55 -20.63
CA LEU B 157 -13.26 -10.46 -19.49
C LEU B 157 -14.28 -11.60 -19.62
N PRO B 158 -15.48 -11.38 -20.15
CA PRO B 158 -16.38 -12.54 -20.36
C PRO B 158 -15.74 -13.58 -21.26
N ALA B 159 -15.09 -13.16 -22.34
CA ALA B 159 -14.46 -14.13 -23.24
C ALA B 159 -13.28 -14.81 -22.57
N CYS B 160 -12.48 -14.06 -21.81
CA CYS B 160 -11.35 -14.68 -21.11
C CYS B 160 -11.83 -15.67 -20.07
N SER B 161 -12.97 -15.38 -19.43
CA SER B 161 -13.53 -16.30 -18.43
C SER B 161 -13.96 -17.61 -19.09
N ARG B 162 -14.62 -17.53 -20.25
CA ARG B 162 -15.00 -18.73 -20.99
C ARG B 162 -13.78 -19.53 -21.42
N ALA B 163 -12.76 -18.84 -21.95
CA ALA B 163 -11.56 -19.54 -22.38
C ALA B 163 -10.81 -20.16 -21.20
N ALA B 164 -10.84 -19.51 -20.03
CA ALA B 164 -10.12 -20.03 -18.87
C ALA B 164 -10.89 -21.10 -18.11
N GLY B 165 -12.22 -21.14 -18.23
CA GLY B 165 -13.01 -22.04 -17.43
C GLY B 165 -13.29 -21.58 -16.01
N HIS B 166 -13.04 -20.32 -15.70
CA HIS B 166 -13.35 -19.77 -14.39
C HIS B 166 -13.50 -18.26 -14.55
N LEU B 167 -14.13 -17.63 -13.56
CA LEU B 167 -14.29 -16.19 -13.61
C LEU B 167 -12.92 -15.51 -13.68
N VAL B 168 -12.77 -14.58 -14.63
CA VAL B 168 -11.61 -13.69 -14.72
C VAL B 168 -12.11 -12.27 -14.55
N GLU B 169 -11.58 -11.57 -13.53
CA GLU B 169 -12.03 -10.21 -13.20
C GLU B 169 -10.97 -9.15 -13.46
N THR B 170 -9.73 -9.54 -13.73
CA THR B 170 -8.61 -8.62 -13.67
C THR B 170 -7.76 -8.74 -14.93
N SER B 171 -6.89 -7.76 -15.12
CA SER B 171 -5.93 -7.72 -16.22
C SER B 171 -4.52 -7.90 -15.68
N CYS B 172 -3.63 -8.33 -16.57
CA CYS B 172 -2.19 -8.31 -16.36
C CYS B 172 -1.63 -7.07 -17.05
N THR B 173 -0.94 -6.20 -16.31
CA THR B 173 -0.42 -4.95 -16.88
C THR B 173 1.09 -5.03 -17.08
N ILE B 174 1.54 -4.60 -18.26
CA ILE B 174 2.97 -4.48 -18.53
C ILE B 174 3.23 -3.04 -18.94
N MET B 175 3.97 -2.29 -18.11
CA MET B 175 4.27 -0.87 -18.36
C MET B 175 5.76 -0.73 -18.63
N ASP B 176 6.10 -0.43 -19.88
CA ASP B 176 7.49 -0.34 -20.32
C ASP B 176 7.96 1.10 -20.15
N LEU B 177 8.92 1.33 -19.24
CA LEU B 177 9.46 2.64 -18.95
C LEU B 177 10.76 2.95 -19.65
N LYS B 178 11.14 2.16 -20.66
CA LYS B 178 12.43 2.43 -21.31
C LYS B 178 12.43 3.84 -21.90
N GLY B 179 13.42 4.63 -21.51
CA GLY B 179 13.56 5.97 -22.05
C GLY B 179 12.89 7.08 -21.25
N ILE B 180 12.13 6.75 -20.18
CA ILE B 180 11.52 7.83 -19.41
C ILE B 180 12.58 8.57 -18.63
N SER B 181 12.27 9.83 -18.25
CA SER B 181 13.09 10.63 -17.36
C SER B 181 12.22 11.16 -16.23
N ILE B 182 12.87 11.68 -15.18
CA ILE B 182 12.14 12.37 -14.12
C ILE B 182 11.29 13.48 -14.72
N SER B 183 11.92 14.28 -15.59
CA SER B 183 11.24 15.42 -16.20
C SER B 183 10.02 15.00 -17.04
N SER B 184 10.16 13.93 -17.85
CA SER B 184 9.04 13.53 -18.69
C SER B 184 7.90 12.96 -17.84
N ALA B 185 8.24 12.19 -16.81
CA ALA B 185 7.25 11.67 -15.89
C ALA B 185 6.54 12.80 -15.15
N TYR B 186 7.30 13.79 -14.70
CA TYR B 186 6.69 14.95 -14.04
C TYR B 186 5.72 15.67 -14.97
N SER B 187 6.05 15.73 -16.26
CA SER B 187 5.22 16.48 -17.19
C SER B 187 3.82 15.89 -17.31
N VAL B 188 3.67 14.58 -17.17
CA VAL B 188 2.37 13.94 -17.31
C VAL B 188 1.77 13.55 -15.96
N MET B 189 2.24 14.16 -14.87
CA MET B 189 1.78 13.80 -13.53
C MET B 189 0.27 13.93 -13.40
N SER B 190 -0.31 14.96 -14.00
CA SER B 190 -1.76 15.15 -13.91
C SER B 190 -2.50 14.00 -14.60
N TYR B 191 -2.04 13.60 -15.78
CA TYR B 191 -2.69 12.50 -16.48
C TYR B 191 -2.58 11.22 -15.68
N VAL B 192 -1.38 10.91 -15.18
CA VAL B 192 -1.23 9.69 -14.39
C VAL B 192 -2.12 9.72 -13.16
N ARG B 193 -2.21 10.88 -12.50
CA ARG B 193 -2.98 10.97 -11.27
C ARG B 193 -4.48 10.80 -11.53
N GLU B 194 -5.00 11.47 -12.57
CA GLU B 194 -6.41 11.35 -12.91
C GLU B 194 -6.76 9.95 -13.38
N ALA B 195 -5.92 9.36 -14.25
CA ALA B 195 -6.16 7.98 -14.68
C ALA B 195 -6.17 7.04 -13.49
N SER B 196 -5.25 7.22 -12.53
CA SER B 196 -5.21 6.29 -11.41
C SER B 196 -6.40 6.50 -10.49
N TYR B 197 -6.90 7.73 -10.40
CA TYR B 197 -8.14 7.98 -9.65
C TYR B 197 -9.31 7.21 -10.26
N ILE B 198 -9.43 7.23 -11.59
CA ILE B 198 -10.49 6.46 -12.25
C ILE B 198 -10.31 4.97 -11.99
N SER B 199 -9.08 4.47 -12.13
CA SER B 199 -8.84 3.05 -11.87
C SER B 199 -9.25 2.67 -10.46
N GLN B 200 -8.77 3.42 -9.45
CA GLN B 200 -8.98 2.97 -8.08
C GLN B 200 -10.43 3.14 -7.64
N ASN B 201 -11.08 4.21 -8.07
CA ASN B 201 -12.39 4.56 -7.53
C ASN B 201 -13.55 4.02 -8.35
N TYR B 202 -13.36 3.89 -9.66
CA TYR B 202 -14.45 3.48 -10.53
C TYR B 202 -14.27 2.09 -11.11
N TYR B 203 -13.07 1.52 -11.03
CA TYR B 203 -12.82 0.14 -11.46
C TYR B 203 -12.17 -0.75 -10.40
N PRO B 204 -12.42 -0.49 -9.12
CA PRO B 204 -11.76 -1.27 -8.07
C PRO B 204 -11.49 -2.73 -8.36
N GLU B 205 -10.31 -3.19 -7.95
CA GLU B 205 -9.99 -4.62 -7.99
C GLU B 205 -10.04 -5.16 -9.41
N ARG B 206 -9.70 -4.32 -10.39
CA ARG B 206 -9.55 -4.78 -11.77
C ARG B 206 -8.10 -5.04 -12.16
N MET B 207 -7.15 -4.72 -11.30
CA MET B 207 -5.73 -4.94 -11.57
C MET B 207 -5.32 -6.28 -11.00
N GLY B 208 -4.78 -7.16 -11.86
CA GLY B 208 -4.40 -8.48 -11.40
C GLY B 208 -2.92 -8.60 -11.09
N LYS B 209 -2.09 -8.15 -12.03
CA LYS B 209 -0.64 -8.08 -11.89
C LYS B 209 -0.18 -6.80 -12.57
N PHE B 210 0.89 -6.21 -12.06
CA PHE B 210 1.40 -4.94 -12.60
C PHE B 210 2.92 -5.04 -12.69
N TYR B 211 3.42 -5.19 -13.92
CA TYR B 211 4.86 -5.33 -14.17
C TYR B 211 5.36 -4.01 -14.71
N ILE B 212 6.25 -3.36 -13.96
CA ILE B 212 7.01 -2.24 -14.47
C ILE B 212 8.33 -2.78 -15.01
N ILE B 213 8.61 -2.54 -16.30
CA ILE B 213 9.84 -3.09 -16.88
C ILE B 213 10.67 -1.95 -17.46
N ASN B 214 11.97 -2.20 -17.59
CA ASN B 214 12.93 -1.19 -18.07
C ASN B 214 12.90 0.07 -17.21
N ALA B 215 12.62 -0.09 -15.92
CA ALA B 215 12.60 1.06 -15.02
C ALA B 215 14.02 1.60 -14.89
N PRO B 216 14.21 2.90 -15.03
CA PRO B 216 15.55 3.49 -14.80
C PRO B 216 15.90 3.39 -13.31
N PHE B 217 17.21 3.39 -13.04
CA PHE B 217 17.73 3.23 -11.68
C PHE B 217 17.09 4.19 -10.68
N GLY B 218 16.90 5.44 -11.09
CA GLY B 218 16.30 6.41 -10.19
C GLY B 218 14.89 6.03 -9.79
N PHE B 219 14.08 5.55 -10.75
CA PHE B 219 12.72 5.14 -10.45
C PHE B 219 12.69 3.82 -9.71
N SER B 220 13.46 2.82 -10.17
CA SER B 220 13.36 1.52 -9.53
C SER B 220 13.83 1.60 -8.08
N THR B 221 14.87 2.41 -7.82
CA THR B 221 15.33 2.54 -6.43
C THR B 221 14.24 3.12 -5.54
N ALA B 222 13.64 4.24 -5.98
CA ALA B 222 12.57 4.85 -5.21
C ALA B 222 11.39 3.90 -5.04
N PHE B 223 10.93 3.29 -6.13
CA PHE B 223 9.76 2.41 -6.05
C PHE B 223 10.02 1.27 -5.07
N ARG B 224 11.23 0.68 -5.12
CA ARG B 224 11.51 -0.45 -4.26
C ARG B 224 11.64 -0.03 -2.81
N LEU B 225 12.12 1.19 -2.54
CA LEU B 225 12.11 1.71 -1.18
C LEU B 225 10.70 1.98 -0.67
N PHE B 226 9.71 2.15 -1.56
CA PHE B 226 8.32 2.39 -1.14
C PHE B 226 7.54 1.12 -0.88
N LYS B 227 8.03 -0.03 -1.34
CA LYS B 227 7.31 -1.29 -1.15
C LYS B 227 6.91 -1.56 0.30
N PRO B 228 7.65 -1.11 1.32
CA PRO B 228 7.19 -1.29 2.71
C PRO B 228 5.86 -0.63 3.03
N PHE B 229 5.42 0.36 2.27
CA PHE B 229 4.13 1.01 2.52
C PHE B 229 2.96 0.26 1.87
N LEU B 230 3.21 -0.89 1.25
CA LEU B 230 2.17 -1.62 0.53
C LEU B 230 1.55 -2.71 1.41
N ASP B 231 0.26 -2.95 1.18
CA ASP B 231 -0.44 -4.09 1.75
C ASP B 231 0.19 -5.41 1.27
N PRO B 232 0.25 -6.44 2.12
CA PRO B 232 0.80 -7.74 1.65
C PRO B 232 0.18 -8.25 0.36
N VAL B 233 -1.14 -8.09 0.18
CA VAL B 233 -1.77 -8.51 -1.08
C VAL B 233 -1.21 -7.72 -2.26
N THR B 234 -1.13 -6.40 -2.10
CA THR B 234 -0.66 -5.55 -3.19
C THR B 234 0.80 -5.82 -3.53
N VAL B 235 1.64 -6.11 -2.52
CA VAL B 235 3.05 -6.36 -2.79
C VAL B 235 3.21 -7.52 -3.74
N SER B 236 2.34 -8.53 -3.64
CA SER B 236 2.52 -9.71 -4.47
C SER B 236 2.06 -9.49 -5.91
N LYS B 237 1.40 -8.37 -6.19
CA LYS B 237 0.93 -8.05 -7.54
C LYS B 237 1.91 -7.22 -8.33
N ILE B 238 2.87 -6.56 -7.69
CA ILE B 238 3.63 -5.49 -8.30
C ILE B 238 5.06 -5.94 -8.49
N PHE B 239 5.61 -5.69 -9.68
CA PHE B 239 6.94 -6.13 -10.03
C PHE B 239 7.71 -4.92 -10.55
N ILE B 240 8.87 -4.64 -9.96
CA ILE B 240 9.67 -3.49 -10.35
C ILE B 240 10.94 -4.05 -10.99
N LEU B 241 11.04 -3.97 -12.31
CA LEU B 241 12.12 -4.63 -13.03
C LEU B 241 12.89 -3.64 -13.89
N GLY B 242 14.17 -3.92 -14.07
CA GLY B 242 14.99 -3.16 -15.00
C GLY B 242 14.99 -3.78 -16.39
N SER B 243 16.17 -3.86 -17.02
CA SER B 243 16.24 -4.36 -18.39
C SER B 243 16.20 -5.88 -18.48
N SER B 244 16.47 -6.61 -17.39
CA SER B 244 16.35 -8.07 -17.41
C SER B 244 14.99 -8.44 -16.83
N TYR B 245 13.98 -8.34 -17.69
CA TYR B 245 12.59 -8.57 -17.30
C TYR B 245 12.00 -9.78 -18.01
N GLN B 246 12.68 -10.33 -19.01
CA GLN B 246 12.05 -11.29 -19.93
C GLN B 246 11.64 -12.56 -19.21
N LYS B 247 12.49 -13.06 -18.33
CA LYS B 247 12.16 -14.32 -17.64
C LYS B 247 10.98 -14.13 -16.70
N GLU B 248 10.87 -12.94 -16.08
CA GLU B 248 9.74 -12.66 -15.20
C GLU B 248 8.44 -12.60 -16.01
N LEU B 249 8.48 -12.05 -17.22
CA LEU B 249 7.25 -12.00 -18.00
C LEU B 249 6.87 -13.38 -18.51
N LEU B 250 7.86 -14.14 -18.98
CA LEU B 250 7.57 -15.49 -19.48
C LEU B 250 7.12 -16.44 -18.38
N LYS B 251 7.45 -16.12 -17.13
CA LYS B 251 6.97 -16.90 -16.00
C LYS B 251 5.47 -16.69 -15.77
N GLN B 252 4.95 -15.54 -16.18
CA GLN B 252 3.54 -15.19 -15.99
C GLN B 252 2.72 -15.36 -17.26
N ILE B 253 3.36 -15.28 -18.42
CA ILE B 253 2.66 -15.30 -19.71
C ILE B 253 3.25 -16.37 -20.61
N PRO B 254 2.44 -17.30 -21.15
CA PRO B 254 2.96 -18.31 -22.09
C PRO B 254 3.72 -17.64 -23.23
N ALA B 255 4.84 -18.25 -23.63
CA ALA B 255 5.69 -17.62 -24.63
C ALA B 255 4.92 -17.32 -25.92
N GLU B 256 4.06 -18.24 -26.35
CA GLU B 256 3.30 -17.98 -27.58
C GLU B 256 2.31 -16.84 -27.42
N ASN B 257 2.05 -16.37 -26.20
CA ASN B 257 1.15 -15.26 -25.97
C ASN B 257 1.87 -13.93 -25.80
N LEU B 258 3.17 -13.95 -25.46
CA LEU B 258 3.95 -12.73 -25.18
C LEU B 258 4.55 -12.19 -26.47
N PRO B 259 4.40 -10.89 -26.79
CA PRO B 259 4.95 -10.38 -28.04
C PRO B 259 6.45 -10.63 -28.13
N VAL B 260 6.95 -10.79 -29.37
CA VAL B 260 8.37 -11.08 -29.59
C VAL B 260 9.25 -10.00 -28.97
N LYS B 261 8.84 -8.73 -29.08
CA LYS B 261 9.69 -7.65 -28.56
C LYS B 261 9.91 -7.72 -27.05
N PHE B 262 9.10 -8.45 -26.29
CA PHE B 262 9.28 -8.58 -24.85
C PHE B 262 9.86 -9.93 -24.45
N GLY B 263 10.35 -10.70 -25.41
CA GLY B 263 10.99 -11.97 -25.15
C GLY B 263 10.16 -13.18 -25.52
N GLY B 264 8.96 -12.96 -26.06
CA GLY B 264 8.03 -14.03 -26.36
C GLY B 264 8.08 -14.46 -27.82
N LYS B 265 7.00 -15.10 -28.26
CA LYS B 265 6.93 -15.61 -29.62
C LYS B 265 5.76 -15.08 -30.42
N SER B 266 4.92 -14.23 -29.82
CA SER B 266 3.68 -13.82 -30.48
C SER B 266 3.98 -12.73 -31.50
N GLU B 267 3.45 -12.89 -32.72
CA GLU B 267 3.69 -11.92 -33.79
C GLU B 267 2.38 -11.34 -34.31
N VAL B 268 2.43 -10.09 -34.73
CA VAL B 268 1.32 -9.40 -35.38
C VAL B 268 1.82 -8.79 -36.68
N ASP B 269 1.07 -9.01 -37.76
CA ASP B 269 1.42 -8.46 -39.08
C ASP B 269 1.61 -6.95 -39.05
N GLY B 270 -0.32 -2.96 -37.29
CA GLY B 270 0.58 -3.81 -36.53
C GLY B 270 0.16 -4.01 -35.08
N LEU B 271 1.11 -4.33 -34.21
CA LEU B 271 0.81 -4.61 -32.81
C LEU B 271 0.13 -3.42 -32.12
N TYR B 272 0.64 -2.21 -32.33
CA TYR B 272 0.16 -1.04 -31.59
C TYR B 272 -1.31 -0.73 -31.87
N LEU B 273 -1.83 -1.13 -33.03
CA LEU B 273 -3.23 -0.90 -33.36
C LEU B 273 -4.06 -2.17 -33.30
N SER B 274 -3.49 -3.27 -32.82
CA SER B 274 -4.20 -4.54 -32.78
C SER B 274 -4.93 -4.73 -31.45
N ASP B 275 -5.83 -5.71 -31.44
CA ASP B 275 -6.61 -6.05 -30.25
C ASP B 275 -6.94 -7.56 -30.31
N ILE B 276 -5.90 -8.38 -30.22
CA ILE B 276 -6.00 -9.83 -30.42
C ILE B 276 -6.10 -10.52 -29.07
N GLY B 277 -7.02 -11.50 -28.98
CA GLY B 277 -7.24 -12.25 -27.76
C GLY B 277 -8.47 -13.13 -27.88
N PRO B 278 -8.84 -13.84 -26.80
CA PRO B 278 -10.02 -14.73 -26.86
C PRO B 278 -11.29 -14.02 -27.28
N TRP B 279 -11.41 -12.72 -27.00
CA TRP B 279 -12.59 -11.94 -27.33
C TRP B 279 -12.70 -11.65 -28.83
N ARG B 280 -11.74 -12.14 -29.62
CA ARG B 280 -11.83 -12.14 -31.09
C ARG B 280 -12.10 -13.53 -31.67
N ASP B 281 -12.20 -14.54 -30.82
CA ASP B 281 -12.42 -15.92 -31.22
C ASP B 281 -13.90 -16.25 -31.01
N PRO B 282 -14.68 -16.55 -32.05
CA PRO B 282 -16.12 -16.79 -31.86
C PRO B 282 -16.42 -17.93 -30.89
N LYS B 283 -15.47 -18.84 -30.68
CA LYS B 283 -15.66 -19.86 -29.66
C LYS B 283 -15.91 -19.24 -28.29
N TYR B 284 -15.37 -18.06 -28.03
CA TYR B 284 -15.45 -17.46 -26.70
C TYR B 284 -16.26 -16.17 -26.66
N ILE B 285 -16.91 -15.81 -27.77
CA ILE B 285 -17.76 -14.63 -27.82
C ILE B 285 -19.18 -15.08 -27.54
N GLY B 286 -19.80 -14.47 -26.54
CA GLY B 286 -21.14 -14.87 -26.15
C GLY B 286 -22.23 -13.94 -26.65
N PRO B 287 -23.33 -13.90 -25.92
CA PRO B 287 -24.47 -13.08 -26.37
C PRO B 287 -24.17 -11.59 -26.38
N GLU B 288 -23.11 -11.13 -25.71
CA GLU B 288 -22.73 -9.73 -25.79
C GLU B 288 -22.26 -9.32 -27.19
N GLY B 289 -21.95 -10.29 -28.06
CA GLY B 289 -21.41 -9.97 -29.37
C GLY B 289 -19.93 -9.63 -29.30
N GLU B 290 -19.35 -9.34 -30.46
CA GLU B 290 -17.92 -9.07 -30.53
C GLU B 290 -17.63 -7.63 -30.13
N ALA B 291 -16.51 -7.46 -29.42
CA ALA B 291 -16.07 -6.15 -28.97
C ALA B 291 -15.91 -5.18 -30.15
N PRO B 292 -16.20 -3.89 -29.94
CA PRO B 292 -15.87 -2.91 -30.96
C PRO B 292 -14.36 -2.76 -31.10
N GLU B 293 -13.95 -2.16 -32.20
CA GLU B 293 -12.56 -1.81 -32.43
C GLU B 293 -12.39 -0.31 -32.24
N ALA B 294 -11.23 0.08 -31.74
CA ALA B 294 -10.92 1.49 -31.56
C ALA B 294 -10.42 2.09 -32.85
#